data_9FQP
#
_entry.id   9FQP
#
_cell.length_a   40.763
_cell.length_b   107.213
_cell.length_c   175.363
_cell.angle_alpha   90
_cell.angle_beta   90
_cell.angle_gamma   90
#
_symmetry.space_group_name_H-M   'C 2 2 21'
#
loop_
_entity.id
_entity.type
_entity.pdbx_description
1 polymer 'Epidermal growth factor receptor'
2 non-polymer (7~{S})-3-[(3-chloranyl-2-methoxy-phenyl)amino]-2-(3-fluoranylpyridin-4-yl)-7-(2-methoxyethyl)-1,5,6,7-tetrahydropyrrolo[3,2-c]pyridin-4-one
3 water water
#
_entity_poly.entity_id   1
_entity_poly.type   'polypeptide(L)'
_entity_poly.pdbx_seq_one_letter_code
;MSGEAPNQALLRILKETEFKKIKVLGSGAFGTVYKGLWIPEGEKVKIPVAIKELREATSPKANKEILDEAYVMASVDNPG
NPHVCRLLGICLTSTVQLITQLMPFGCLLDYVREHKDNIGSQYLLNWCVQIAKGMNYLEDRRLVHRDLAARNVLVKTPQH
VKITDFGLAKLLGAEEKEYHAEGGKVPIKWMALESILHRIYTHQSDVWSYGVTVWELMTFGSKPYDGIPASEISSILEKG
ERLPQPPICTIDVYMIMRKCWMIDADSRPKFRELIIEFSKMARDPQRYLVIQGDERMHLPSPTDSNFYRALMDEEDMDDV
VDADEYLIPQQGHHHHHH
;
_entity_poly.pdbx_strand_id   A
#
loop_
_chem_comp.id
_chem_comp.type
_chem_comp.name
_chem_comp.formula
A1IEZ non-polymer (7~{S})-3-[(3-chloranyl-2-methoxy-phenyl)amino]-2-(3-fluoranylpyridin-4-yl)-7-(2-methoxyethyl)-1,5,6,7-tetrahydropyrrolo[3,2-c]pyridin-4-one 'C22 H22 Cl F N4 O3'
#
# COMPACT_ATOMS: atom_id res chain seq x y z
N GLN A 8 -8.53 -22.27 -0.73
CA GLN A 8 -9.48 -22.14 0.37
C GLN A 8 -8.86 -21.34 1.54
N ALA A 9 -9.65 -20.43 2.14
CA ALA A 9 -9.19 -19.58 3.24
C ALA A 9 -9.33 -20.27 4.60
N LEU A 10 -8.21 -20.41 5.34
CA LEU A 10 -8.18 -21.02 6.68
C LEU A 10 -7.53 -20.05 7.67
N LEU A 11 -8.14 -19.83 8.85
CA LEU A 11 -7.58 -18.94 9.88
C LEU A 11 -7.10 -19.74 11.08
N ARG A 12 -5.91 -19.40 11.61
CA ARG A 12 -5.35 -20.07 12.79
C ARG A 12 -5.72 -19.28 14.03
N ILE A 13 -6.67 -19.79 14.85
CA ILE A 13 -7.07 -19.08 16.07
C ILE A 13 -5.94 -19.22 17.07
N LEU A 14 -5.32 -18.11 17.46
CA LEU A 14 -4.19 -18.12 18.40
C LEU A 14 -4.66 -17.59 19.76
N LYS A 15 -4.22 -18.25 20.84
CA LYS A 15 -4.62 -17.89 22.21
C LYS A 15 -3.91 -16.62 22.67
N GLU A 16 -4.55 -15.83 23.55
CA GLU A 16 -3.92 -14.60 24.08
C GLU A 16 -2.68 -14.93 24.95
N THR A 17 -2.61 -16.13 25.54
CA THR A 17 -1.47 -16.56 26.35
C THR A 17 -0.21 -16.79 25.50
N GLU A 18 -0.34 -16.98 24.17
CA GLU A 18 0.80 -17.17 23.27
C GLU A 18 1.52 -15.83 22.99
N PHE A 19 0.83 -14.68 23.13
CA PHE A 19 1.41 -13.37 22.88
C PHE A 19 1.85 -12.69 24.17
N LYS A 20 3.05 -12.09 24.19
CA LYS A 20 3.60 -11.39 25.35
C LYS A 20 4.33 -10.10 24.91
N LYS A 21 4.52 -9.16 25.87
CA LYS A 21 5.17 -7.86 25.66
C LYS A 21 4.46 -7.04 24.59
N ILE A 22 3.15 -6.84 24.76
CA ILE A 22 2.33 -6.08 23.80
C ILE A 22 2.54 -4.56 24.06
N LYS A 23 3.11 -3.84 23.07
CA LYS A 23 3.39 -2.40 23.15
C LYS A 23 2.71 -1.69 21.98
N VAL A 24 2.15 -0.48 22.21
CA VAL A 24 1.44 0.26 21.16
C VAL A 24 2.43 0.89 20.16
N LEU A 25 2.25 0.62 18.84
CA LEU A 25 3.07 1.21 17.80
C LEU A 25 2.44 2.52 17.30
N GLY A 26 1.14 2.51 17.02
CA GLY A 26 0.43 3.69 16.55
C GLY A 26 -1.07 3.52 16.50
N SER A 27 -1.79 4.59 16.10
CA SER A 27 -3.24 4.58 16.00
C SER A 27 -3.73 5.58 14.94
N GLY A 28 -4.92 5.34 14.39
CA GLY A 28 -5.50 6.20 13.37
C GLY A 28 -6.77 5.61 12.77
N ALA A 29 -7.01 5.83 11.48
CA ALA A 29 -8.17 5.28 10.79
C ALA A 29 -8.12 3.75 10.74
N PHE A 30 -6.91 3.18 10.61
CA PHE A 30 -6.69 1.72 10.64
C PHE A 30 -7.07 1.06 11.98
N GLY A 31 -7.13 1.84 13.05
CA GLY A 31 -7.47 1.37 14.38
C GLY A 31 -6.28 1.52 15.30
N THR A 32 -5.78 0.42 15.89
CA THR A 32 -4.63 0.44 16.78
C THR A 32 -3.72 -0.74 16.47
N VAL A 33 -2.44 -0.48 16.13
CA VAL A 33 -1.47 -1.52 15.82
C VAL A 33 -0.47 -1.62 16.98
N TYR A 34 -0.25 -2.85 17.49
CA TYR A 34 0.69 -3.14 18.57
C TYR A 34 1.81 -4.09 18.06
N LYS A 35 2.86 -4.31 18.88
CA LYS A 35 3.95 -5.24 18.60
C LYS A 35 4.04 -6.25 19.76
N GLY A 36 4.52 -7.46 19.47
CA GLY A 36 4.64 -8.50 20.50
C GLY A 36 5.52 -9.65 20.09
N LEU A 37 5.54 -10.71 20.92
CA LEU A 37 6.33 -11.91 20.69
C LEU A 37 5.40 -13.11 20.75
N TRP A 38 5.15 -13.75 19.61
CA TRP A 38 4.27 -14.91 19.54
C TRP A 38 5.08 -16.20 19.77
N ILE A 39 4.77 -16.91 20.86
CA ILE A 39 5.40 -18.18 21.19
C ILE A 39 4.39 -19.26 20.78
N PRO A 40 4.56 -20.02 19.66
CA PRO A 40 3.54 -21.03 19.32
C PRO A 40 3.41 -22.14 20.36
N GLU A 41 2.25 -22.82 20.39
CA GLU A 41 2.01 -23.90 21.36
C GLU A 41 2.98 -25.05 21.08
N GLY A 42 3.70 -25.50 22.11
CA GLY A 42 4.69 -26.55 21.99
C GLY A 42 6.06 -26.01 21.64
N GLU A 43 6.15 -25.17 20.60
CA GLU A 43 7.41 -24.56 20.17
C GLU A 43 7.83 -23.45 21.14
N LYS A 44 9.13 -23.07 21.13
CA LYS A 44 9.66 -22.02 21.98
C LYS A 44 10.42 -20.96 21.15
N VAL A 45 10.04 -20.75 19.88
CA VAL A 45 10.68 -19.76 19.01
C VAL A 45 9.88 -18.48 19.14
N LYS A 46 10.44 -17.44 19.77
CA LYS A 46 9.74 -16.17 19.98
C LYS A 46 9.72 -15.38 18.67
N ILE A 47 8.61 -15.47 17.92
CA ILE A 47 8.47 -14.80 16.61
C ILE A 47 7.94 -13.36 16.81
N PRO A 48 8.68 -12.27 16.47
CA PRO A 48 8.10 -10.92 16.64
C PRO A 48 6.92 -10.71 15.69
N VAL A 49 5.76 -10.28 16.22
CA VAL A 49 4.52 -10.09 15.43
C VAL A 49 3.86 -8.73 15.68
N ALA A 50 2.91 -8.33 14.81
CA ALA A 50 2.10 -7.11 14.95
C ALA A 50 0.63 -7.49 15.10
N ILE A 51 -0.11 -6.75 15.95
CA ILE A 51 -1.52 -7.03 16.27
C ILE A 51 -2.38 -5.79 15.94
N LYS A 52 -3.53 -5.95 15.22
CA LYS A 52 -4.39 -4.81 14.89
C LYS A 52 -5.79 -4.91 15.54
N GLU A 53 -6.39 -3.76 15.88
CA GLU A 53 -7.71 -3.62 16.52
C GLU A 53 -8.48 -2.43 15.90
N LEU A 54 -9.78 -2.27 16.23
CA LEU A 54 -10.58 -1.14 15.76
C LEU A 54 -11.26 -0.48 16.96
N ALA A 62 -18.32 -3.26 13.97
CA ALA A 62 -16.88 -3.15 14.12
C ALA A 62 -16.19 -4.50 13.91
N ASN A 63 -16.74 -5.59 14.50
CA ASN A 63 -16.17 -6.93 14.34
C ASN A 63 -16.33 -7.41 12.88
N LYS A 64 -17.45 -7.05 12.24
CA LYS A 64 -17.74 -7.37 10.84
C LYS A 64 -16.61 -6.87 9.92
N GLU A 65 -16.13 -5.63 10.14
CA GLU A 65 -15.09 -5.05 9.29
C GLU A 65 -13.73 -5.74 9.41
N ILE A 66 -13.27 -6.02 10.64
CA ILE A 66 -11.96 -6.66 10.84
C ILE A 66 -11.96 -8.12 10.34
N LEU A 67 -13.10 -8.84 10.42
CA LEU A 67 -13.17 -10.22 9.91
C LEU A 67 -13.18 -10.26 8.39
N ASP A 68 -13.72 -9.22 7.72
CA ASP A 68 -13.67 -9.14 6.26
C ASP A 68 -12.21 -9.03 5.80
N GLU A 69 -11.40 -8.25 6.54
CA GLU A 69 -9.97 -8.08 6.27
C GLU A 69 -9.24 -9.41 6.43
N ALA A 70 -9.55 -10.18 7.48
CA ALA A 70 -8.95 -11.49 7.71
C ALA A 70 -9.29 -12.46 6.56
N TYR A 71 -10.56 -12.48 6.09
CA TYR A 71 -10.99 -13.33 4.98
C TYR A 71 -10.20 -12.99 3.71
N VAL A 72 -10.11 -11.71 3.37
CA VAL A 72 -9.38 -11.24 2.18
C VAL A 72 -7.90 -11.66 2.26
N MET A 73 -7.24 -11.46 3.40
CA MET A 73 -5.82 -11.81 3.54
C MET A 73 -5.60 -13.33 3.50
N ALA A 74 -6.52 -14.12 4.06
CA ALA A 74 -6.42 -15.57 4.04
C ALA A 74 -6.73 -16.16 2.66
N SER A 75 -7.58 -15.50 1.87
CA SER A 75 -7.93 -15.96 0.53
C SER A 75 -6.74 -15.87 -0.43
N VAL A 76 -5.94 -14.80 -0.31
CA VAL A 76 -4.77 -14.57 -1.17
C VAL A 76 -3.43 -15.02 -0.51
N ASP A 77 -3.48 -15.90 0.49
CA ASP A 77 -2.28 -16.38 1.23
C ASP A 77 -1.50 -17.45 0.47
N ASN A 78 -2.19 -18.31 -0.30
CA ASN A 78 -1.62 -19.39 -1.12
C ASN A 78 -1.75 -18.97 -2.60
N PRO A 79 -0.67 -18.86 -3.42
CA PRO A 79 0.75 -19.12 -3.14
C PRO A 79 1.43 -18.14 -2.18
N GLY A 80 1.12 -16.85 -2.31
CA GLY A 80 1.66 -15.76 -1.53
C GLY A 80 2.76 -15.03 -2.28
N ASN A 81 3.00 -13.77 -1.91
CA ASN A 81 4.00 -12.94 -2.57
C ASN A 81 4.93 -12.31 -1.51
N PRO A 82 6.27 -12.18 -1.73
CA PRO A 82 7.12 -11.55 -0.70
C PRO A 82 6.80 -10.08 -0.41
N HIS A 83 6.13 -9.38 -1.34
CA HIS A 83 5.81 -7.96 -1.18
C HIS A 83 4.33 -7.71 -0.82
N VAL A 84 3.68 -8.69 -0.17
CA VAL A 84 2.29 -8.62 0.27
C VAL A 84 2.25 -9.18 1.68
N CYS A 85 1.73 -8.44 2.67
CA CYS A 85 1.64 -8.94 4.04
C CYS A 85 0.69 -10.12 4.11
N ARG A 86 1.07 -11.17 4.85
CA ARG A 86 0.24 -12.36 4.99
C ARG A 86 -0.19 -12.54 6.45
N LEU A 87 -1.45 -12.91 6.64
CA LEU A 87 -2.04 -13.09 7.97
C LEU A 87 -1.60 -14.41 8.59
N LEU A 88 -0.92 -14.37 9.75
CA LEU A 88 -0.52 -15.59 10.45
C LEU A 88 -1.76 -16.24 11.10
N GLY A 89 -2.61 -15.41 11.70
CA GLY A 89 -3.85 -15.86 12.32
C GLY A 89 -4.60 -14.72 12.98
N ILE A 90 -5.62 -15.06 13.78
CA ILE A 90 -6.40 -14.06 14.53
C ILE A 90 -6.46 -14.44 16.02
N CYS A 91 -6.73 -13.46 16.90
CA CYS A 91 -6.83 -13.68 18.33
C CYS A 91 -8.20 -13.17 18.82
N LEU A 92 -8.85 -13.93 19.71
CA LEU A 92 -10.18 -13.58 20.23
C LEU A 92 -10.14 -13.13 21.68
N THR A 93 -9.77 -11.86 21.92
CA THR A 93 -9.76 -11.22 23.25
C THR A 93 -11.16 -10.49 23.39
N SER A 94 -11.29 -9.37 24.15
CA SER A 94 -12.55 -8.62 24.19
C SER A 94 -12.97 -8.16 22.76
N THR A 95 -11.98 -7.94 21.86
CA THR A 95 -12.16 -7.60 20.46
C THR A 95 -11.44 -8.64 19.56
N VAL A 96 -11.78 -8.69 18.27
CA VAL A 96 -11.13 -9.62 17.33
C VAL A 96 -9.86 -8.91 16.84
N GLN A 97 -8.70 -9.57 16.94
CA GLN A 97 -7.41 -8.96 16.52
C GLN A 97 -6.75 -9.75 15.39
N LEU A 98 -6.05 -9.05 14.48
CA LEU A 98 -5.32 -9.70 13.37
C LEU A 98 -3.84 -9.83 13.74
N ILE A 99 -3.19 -10.92 13.30
CA ILE A 99 -1.77 -11.19 13.61
C ILE A 99 -0.98 -11.35 12.30
N THR A 100 0.22 -10.76 12.23
CA THR A 100 1.11 -10.83 11.07
C THR A 100 2.58 -10.72 11.51
N GLN A 101 3.54 -11.07 10.64
CA GLN A 101 4.96 -10.94 10.97
C GLN A 101 5.29 -9.44 11.14
N LEU A 102 6.06 -9.10 12.17
CA LEU A 102 6.39 -7.70 12.45
C LEU A 102 7.37 -7.16 11.41
N MET A 103 7.14 -5.91 10.98
CA MET A 103 8.00 -5.20 10.04
C MET A 103 8.76 -4.18 10.91
N PRO A 104 10.02 -4.46 11.32
CA PRO A 104 10.70 -3.55 12.26
C PRO A 104 10.84 -2.08 11.89
N PHE A 105 10.99 -1.75 10.61
CA PHE A 105 11.20 -0.36 10.19
C PHE A 105 9.90 0.45 9.94
N GLY A 106 8.74 -0.06 10.36
CA GLY A 106 7.48 0.68 10.26
C GLY A 106 6.96 0.94 8.86
N CYS A 107 6.03 1.91 8.73
CA CYS A 107 5.46 2.24 7.42
C CYS A 107 6.43 3.08 6.58
N LEU A 108 6.38 2.89 5.26
CA LEU A 108 7.27 3.55 4.30
C LEU A 108 7.03 5.06 4.19
N LEU A 109 5.81 5.56 4.45
CA LEU A 109 5.55 7.00 4.43
C LEU A 109 6.39 7.70 5.50
N ASP A 110 6.45 7.14 6.72
CA ASP A 110 7.27 7.70 7.80
C ASP A 110 8.75 7.49 7.51
N TYR A 111 9.14 6.30 7.00
CA TYR A 111 10.52 5.98 6.66
C TYR A 111 11.12 6.97 5.64
N VAL A 112 10.37 7.32 4.58
CA VAL A 112 10.88 8.28 3.58
C VAL A 112 10.98 9.71 4.16
N ARG A 113 10.12 10.06 5.13
CA ARG A 113 10.16 11.36 5.80
C ARG A 113 11.30 11.44 6.83
N GLU A 114 11.68 10.30 7.45
CA GLU A 114 12.73 10.23 8.46
C GLU A 114 14.12 10.24 7.80
N HIS A 115 14.34 9.35 6.82
CA HIS A 115 15.62 9.21 6.12
C HIS A 115 15.65 10.01 4.81
N LYS A 116 15.19 11.27 4.84
CA LYS A 116 15.14 12.14 3.65
C LYS A 116 16.50 12.25 2.95
N ASP A 117 17.57 12.53 3.71
CA ASP A 117 18.91 12.74 3.17
C ASP A 117 19.79 11.47 3.08
N ASN A 118 19.21 10.26 3.21
CA ASN A 118 19.98 9.01 3.13
C ASN A 118 19.45 8.03 2.06
N ILE A 119 18.27 8.28 1.48
CA ILE A 119 17.69 7.37 0.47
C ILE A 119 18.25 7.69 -0.93
N GLY A 120 18.84 6.67 -1.57
CA GLY A 120 19.37 6.78 -2.91
C GLY A 120 18.35 6.41 -3.98
N SER A 121 18.72 6.61 -5.25
CA SER A 121 17.84 6.32 -6.38
C SER A 121 17.54 4.82 -6.53
N GLN A 122 18.51 3.94 -6.20
CA GLN A 122 18.34 2.50 -6.31
C GLN A 122 17.20 2.02 -5.40
N TYR A 123 17.13 2.50 -4.15
CA TYR A 123 16.07 2.13 -3.22
C TYR A 123 14.69 2.61 -3.67
N LEU A 124 14.58 3.85 -4.17
CA LEU A 124 13.29 4.38 -4.63
C LEU A 124 12.73 3.59 -5.80
N LEU A 125 13.59 3.23 -6.78
CA LEU A 125 13.14 2.47 -7.93
C LEU A 125 12.86 1.02 -7.56
N ASN A 126 13.67 0.42 -6.66
CA ASN A 126 13.40 -0.95 -6.21
C ASN A 126 12.07 -1.02 -5.45
N TRP A 127 11.74 0.00 -4.63
CA TRP A 127 10.46 0.02 -3.91
C TRP A 127 9.30 0.09 -4.90
N CYS A 128 9.44 0.88 -5.98
CA CYS A 128 8.42 0.96 -7.03
C CYS A 128 8.24 -0.40 -7.71
N VAL A 129 9.35 -1.12 -7.97
CA VAL A 129 9.32 -2.46 -8.57
C VAL A 129 8.56 -3.41 -7.63
N GLN A 130 8.92 -3.41 -6.34
CA GLN A 130 8.36 -4.31 -5.33
C GLN A 130 6.88 -4.06 -5.07
N ILE A 131 6.44 -2.79 -5.04
CA ILE A 131 5.02 -2.48 -4.84
C ILE A 131 4.24 -2.98 -6.09
N ALA A 132 4.80 -2.78 -7.30
CA ALA A 132 4.17 -3.28 -8.53
C ALA A 132 4.12 -4.82 -8.58
N LYS A 133 5.15 -5.52 -8.04
CA LYS A 133 5.16 -6.98 -7.99
C LYS A 133 4.05 -7.47 -7.06
N GLY A 134 3.89 -6.83 -5.91
CA GLY A 134 2.84 -7.17 -4.96
C GLY A 134 1.45 -6.91 -5.50
N MET A 135 1.27 -5.76 -6.18
CA MET A 135 -0.02 -5.41 -6.77
C MET A 135 -0.37 -6.32 -7.93
N ASN A 136 0.64 -6.73 -8.74
CA ASN A 136 0.39 -7.66 -9.84
C ASN A 136 -0.07 -9.02 -9.30
N TYR A 137 0.50 -9.47 -8.17
CA TYR A 137 0.07 -10.71 -7.52
C TYR A 137 -1.39 -10.59 -7.10
N LEU A 138 -1.76 -9.45 -6.49
CA LEU A 138 -3.14 -9.20 -6.04
C LEU A 138 -4.11 -9.14 -7.23
N GLU A 139 -3.68 -8.58 -8.38
CA GLU A 139 -4.49 -8.54 -9.59
C GLU A 139 -4.76 -9.97 -10.10
N ASP A 140 -3.73 -10.85 -10.06
CA ASP A 140 -3.87 -12.24 -10.47
C ASP A 140 -4.85 -13.00 -9.57
N ARG A 141 -4.91 -12.65 -8.26
CA ARG A 141 -5.85 -13.29 -7.34
C ARG A 141 -7.21 -12.57 -7.28
N ARG A 142 -7.57 -11.81 -8.35
CA ARG A 142 -8.83 -11.07 -8.45
C ARG A 142 -9.10 -10.19 -7.21
N LEU A 143 -8.08 -9.43 -6.76
CA LEU A 143 -8.20 -8.58 -5.56
C LEU A 143 -7.89 -7.12 -5.89
N VAL A 144 -8.86 -6.23 -5.60
CA VAL A 144 -8.71 -4.78 -5.78
C VAL A 144 -8.45 -4.24 -4.38
N HIS A 145 -7.26 -3.69 -4.13
CA HIS A 145 -6.87 -3.19 -2.82
C HIS A 145 -7.72 -2.01 -2.35
N ARG A 146 -8.03 -1.06 -3.26
CA ARG A 146 -8.85 0.13 -2.97
C ARG A 146 -8.23 1.11 -1.95
N ASP A 147 -7.01 0.84 -1.42
CA ASP A 147 -6.37 1.75 -0.46
C ASP A 147 -4.84 1.72 -0.58
N LEU A 148 -4.31 1.74 -1.81
CA LEU A 148 -2.86 1.72 -2.01
C LEU A 148 -2.31 3.13 -1.75
N ALA A 149 -1.46 3.26 -0.74
CA ALA A 149 -0.86 4.53 -0.34
C ALA A 149 0.46 4.25 0.41
N ALA A 150 1.35 5.25 0.51
CA ALA A 150 2.63 5.07 1.21
C ALA A 150 2.41 4.67 2.69
N ARG A 151 1.33 5.18 3.32
CA ARG A 151 0.98 4.80 4.69
C ARG A 151 0.66 3.30 4.83
N ASN A 152 0.20 2.64 3.73
CA ASN A 152 -0.13 1.22 3.73
C ASN A 152 0.93 0.37 3.03
N VAL A 153 2.20 0.77 3.14
CA VAL A 153 3.35 0.02 2.63
C VAL A 153 4.30 -0.07 3.82
N LEU A 154 4.74 -1.29 4.19
CA LEU A 154 5.62 -1.50 5.33
C LEU A 154 7.02 -1.85 4.90
N VAL A 155 7.99 -1.58 5.77
CA VAL A 155 9.41 -1.81 5.50
C VAL A 155 9.91 -2.95 6.41
N LYS A 156 10.14 -4.15 5.81
CA LYS A 156 10.67 -5.30 6.54
C LYS A 156 12.14 -4.98 6.85
N THR A 157 12.90 -4.60 5.80
CA THR A 157 14.30 -4.13 5.84
C THR A 157 14.41 -3.00 4.78
N PRO A 158 15.39 -2.06 4.84
CA PRO A 158 15.44 -1.00 3.81
C PRO A 158 15.32 -1.47 2.35
N GLN A 159 15.79 -2.70 2.03
CA GLN A 159 15.74 -3.25 0.68
C GLN A 159 14.48 -4.07 0.35
N HIS A 160 13.56 -4.30 1.32
CA HIS A 160 12.36 -5.13 1.11
C HIS A 160 11.11 -4.46 1.71
N VAL A 161 10.04 -4.29 0.89
CA VAL A 161 8.77 -3.69 1.32
C VAL A 161 7.56 -4.60 1.05
N LYS A 162 6.46 -4.40 1.80
CA LYS A 162 5.23 -5.20 1.69
C LYS A 162 3.97 -4.31 1.69
N ILE A 163 2.94 -4.71 0.94
CA ILE A 163 1.67 -3.98 0.91
C ILE A 163 0.82 -4.47 2.09
N THR A 164 0.14 -3.54 2.80
CA THR A 164 -0.69 -3.88 3.96
C THR A 164 -2.06 -3.16 3.91
N ASP A 165 -2.94 -3.42 4.93
CA ASP A 165 -4.25 -2.81 5.14
C ASP A 165 -5.23 -3.21 4.06
N PHE A 166 -5.86 -4.37 4.24
CA PHE A 166 -6.87 -4.87 3.32
C PHE A 166 -8.28 -4.57 3.90
N GLY A 167 -8.45 -3.37 4.46
CA GLY A 167 -9.69 -2.92 5.05
C GLY A 167 -10.75 -2.59 4.01
N LEU A 168 -10.36 -1.87 2.94
CA LEU A 168 -11.27 -1.55 1.84
C LEU A 168 -11.16 -2.58 0.68
N ALA A 169 -10.20 -3.53 0.73
CA ALA A 169 -10.00 -4.51 -0.34
C ALA A 169 -11.21 -5.39 -0.58
N LYS A 170 -11.48 -5.71 -1.88
CA LYS A 170 -12.63 -6.50 -2.29
C LYS A 170 -12.24 -7.51 -3.37
N LEU A 171 -12.70 -8.77 -3.25
CA LEU A 171 -12.44 -9.82 -4.25
C LEU A 171 -13.49 -9.72 -5.34
N LEU A 172 -13.09 -9.89 -6.61
CA LEU A 172 -14.02 -9.84 -7.74
C LEU A 172 -14.37 -11.27 -8.17
N GLY A 173 -15.63 -11.50 -8.50
CA GLY A 173 -16.09 -12.79 -8.98
C GLY A 173 -15.60 -13.06 -10.40
N ALA A 174 -15.70 -14.33 -10.85
CA ALA A 174 -15.27 -14.74 -12.19
C ALA A 174 -15.86 -13.87 -13.30
N GLU A 175 -17.16 -13.54 -13.20
CA GLU A 175 -17.86 -12.70 -14.18
C GLU A 175 -18.12 -11.31 -13.57
N GLU A 176 -17.06 -10.67 -13.03
CA GLU A 176 -17.16 -9.34 -12.40
C GLU A 176 -15.85 -8.58 -12.60
N LYS A 177 -15.86 -7.52 -13.43
CA LYS A 177 -14.65 -6.71 -13.70
C LYS A 177 -14.61 -5.39 -12.93
N GLU A 178 -15.54 -5.15 -11.98
CA GLU A 178 -15.57 -3.89 -11.21
C GLU A 178 -16.32 -4.04 -9.89
N TYR A 179 -16.01 -3.17 -8.91
CA TYR A 179 -16.67 -3.16 -7.60
C TYR A 179 -17.30 -1.78 -7.38
N HIS A 180 -18.62 -1.74 -7.09
CA HIS A 180 -19.34 -0.48 -6.84
C HIS A 180 -19.54 -0.30 -5.34
N ALA A 181 -18.85 0.67 -4.74
CA ALA A 181 -18.96 0.93 -3.30
C ALA A 181 -20.26 1.67 -2.94
N GLU A 182 -20.69 1.57 -1.67
CA GLU A 182 -21.86 2.28 -1.17
C GLU A 182 -21.36 3.62 -0.50
N GLY A 183 -21.87 4.05 0.66
CA GLY A 183 -21.50 5.34 1.24
C GLY A 183 -20.40 5.33 2.29
N GLY A 184 -19.50 4.35 2.23
CA GLY A 184 -18.40 4.26 3.19
C GLY A 184 -17.30 5.27 2.95
N LYS A 185 -16.55 5.64 4.01
CA LYS A 185 -15.44 6.60 3.89
C LYS A 185 -14.31 6.00 3.04
N VAL A 186 -13.74 6.80 2.12
CA VAL A 186 -12.72 6.37 1.15
C VAL A 186 -11.63 7.48 0.94
N PRO A 187 -10.36 7.14 0.56
CA PRO A 187 -9.36 8.21 0.35
C PRO A 187 -9.47 8.89 -1.02
N ILE A 188 -9.96 10.13 -1.05
CA ILE A 188 -10.20 10.87 -2.28
C ILE A 188 -8.91 11.27 -3.05
N LYS A 189 -7.88 11.73 -2.33
CA LYS A 189 -6.63 12.21 -2.96
C LYS A 189 -5.76 11.09 -3.58
N TRP A 190 -6.10 9.82 -3.34
CA TRP A 190 -5.43 8.66 -3.93
C TRP A 190 -6.34 7.94 -4.96
N MET A 191 -7.67 8.18 -4.92
CA MET A 191 -8.62 7.56 -5.82
C MET A 191 -8.57 8.09 -7.24
N ALA A 192 -9.01 7.25 -8.21
CA ALA A 192 -9.12 7.64 -9.61
C ALA A 192 -10.38 8.51 -9.78
N LEU A 193 -10.45 9.28 -10.87
CA LEU A 193 -11.60 10.14 -11.12
C LEU A 193 -12.92 9.36 -11.23
N GLU A 194 -12.93 8.20 -11.89
CA GLU A 194 -14.15 7.38 -12.00
C GLU A 194 -14.61 6.84 -10.63
N SER A 195 -13.67 6.61 -9.71
CA SER A 195 -14.03 6.15 -8.35
C SER A 195 -14.66 7.29 -7.55
N ILE A 196 -14.24 8.54 -7.78
CA ILE A 196 -14.81 9.69 -7.07
C ILE A 196 -16.20 9.99 -7.65
N LEU A 197 -16.34 10.01 -8.99
CA LEU A 197 -17.60 10.34 -9.66
C LEU A 197 -18.67 9.23 -9.60
N HIS A 198 -18.28 7.98 -9.92
CA HIS A 198 -19.24 6.87 -10.03
C HIS A 198 -19.05 5.70 -9.04
N ARG A 199 -18.14 5.84 -8.05
CA ARG A 199 -17.84 4.80 -7.04
C ARG A 199 -17.44 3.45 -7.66
N ILE A 200 -16.77 3.48 -8.83
CA ILE A 200 -16.34 2.28 -9.55
C ILE A 200 -14.87 2.00 -9.21
N TYR A 201 -14.56 0.76 -8.80
CA TYR A 201 -13.21 0.35 -8.42
C TYR A 201 -12.76 -0.87 -9.20
N THR A 202 -11.69 -0.72 -9.98
CA THR A 202 -11.09 -1.78 -10.80
C THR A 202 -9.57 -1.88 -10.47
N HIS A 203 -8.86 -2.86 -11.06
CA HIS A 203 -7.40 -2.94 -10.89
C HIS A 203 -6.74 -1.69 -11.51
N GLN A 204 -7.36 -1.05 -12.53
CA GLN A 204 -6.85 0.16 -13.15
C GLN A 204 -7.03 1.40 -12.27
N SER A 205 -8.01 1.40 -11.36
CA SER A 205 -8.18 2.46 -10.37
C SER A 205 -7.04 2.34 -9.32
N ASP A 206 -6.59 1.10 -8.99
CA ASP A 206 -5.45 0.86 -8.11
C ASP A 206 -4.14 1.37 -8.74
N VAL A 207 -4.05 1.39 -10.08
CA VAL A 207 -2.90 1.90 -10.82
C VAL A 207 -2.79 3.42 -10.57
N TRP A 208 -3.93 4.15 -10.51
CA TRP A 208 -3.95 5.58 -10.18
C TRP A 208 -3.35 5.78 -8.78
N SER A 209 -3.79 4.97 -7.79
CA SER A 209 -3.27 5.03 -6.42
C SER A 209 -1.78 4.70 -6.38
N TYR A 210 -1.33 3.74 -7.23
CA TYR A 210 0.08 3.37 -7.35
C TYR A 210 0.90 4.61 -7.79
N GLY A 211 0.38 5.37 -8.75
CA GLY A 211 1.02 6.59 -9.21
C GLY A 211 1.15 7.63 -8.12
N VAL A 212 0.10 7.78 -7.29
CA VAL A 212 0.11 8.72 -6.16
C VAL A 212 1.13 8.25 -5.11
N THR A 213 1.19 6.93 -4.85
CA THR A 213 2.17 6.34 -3.92
C THR A 213 3.61 6.57 -4.41
N VAL A 214 3.84 6.43 -5.74
CA VAL A 214 5.17 6.67 -6.33
C VAL A 214 5.52 8.15 -6.15
N TRP A 215 4.55 9.06 -6.41
CA TRP A 215 4.75 10.50 -6.21
C TRP A 215 5.10 10.80 -4.75
N GLU A 216 4.46 10.11 -3.77
CA GLU A 216 4.75 10.29 -2.35
C GLU A 216 6.19 9.89 -2.03
N LEU A 217 6.70 8.80 -2.61
CA LEU A 217 8.07 8.35 -2.34
C LEU A 217 9.08 9.29 -3.00
N MET A 218 8.80 9.74 -4.23
CA MET A 218 9.69 10.64 -4.95
C MET A 218 9.77 12.04 -4.30
N THR A 219 8.70 12.47 -3.59
CA THR A 219 8.69 13.75 -2.85
C THR A 219 9.08 13.56 -1.35
N PHE A 220 9.51 12.34 -0.94
CA PHE A 220 9.91 12.02 0.43
C PHE A 220 8.82 12.30 1.48
N GLY A 221 7.59 11.91 1.17
CA GLY A 221 6.46 12.04 2.06
C GLY A 221 5.66 13.33 2.01
N SER A 222 5.57 13.98 0.84
CA SER A 222 4.75 15.18 0.70
C SER A 222 3.28 14.79 0.66
N LYS A 223 2.40 15.64 1.19
CA LYS A 223 0.96 15.36 1.21
C LYS A 223 0.38 15.70 -0.18
N PRO A 224 -0.34 14.80 -0.87
CA PRO A 224 -0.87 15.17 -2.20
C PRO A 224 -1.96 16.23 -2.13
N TYR A 225 -1.93 17.20 -3.06
CA TYR A 225 -2.91 18.31 -3.14
C TYR A 225 -3.05 19.03 -1.78
N ASP A 226 -1.92 19.35 -1.15
CA ASP A 226 -1.90 19.98 0.17
C ASP A 226 -2.59 21.35 0.15
N GLY A 227 -3.51 21.58 1.07
CA GLY A 227 -4.27 22.82 1.15
C GLY A 227 -5.56 22.80 0.35
N ILE A 228 -5.70 21.87 -0.61
CA ILE A 228 -6.88 21.77 -1.46
C ILE A 228 -7.91 20.84 -0.76
N PRO A 229 -9.20 21.24 -0.57
CA PRO A 229 -10.15 20.31 0.06
C PRO A 229 -10.55 19.16 -0.87
N ALA A 230 -10.92 18.00 -0.29
CA ALA A 230 -11.30 16.80 -1.02
C ALA A 230 -12.44 17.00 -2.03
N SER A 231 -13.39 17.90 -1.74
CA SER A 231 -14.51 18.16 -2.63
C SER A 231 -14.10 18.87 -3.95
N GLU A 232 -12.95 19.57 -3.96
CA GLU A 232 -12.45 20.27 -5.14
C GLU A 232 -11.56 19.37 -6.04
N ILE A 233 -11.32 18.10 -5.65
CA ILE A 233 -10.42 17.21 -6.40
C ILE A 233 -11.02 16.74 -7.72
N SER A 234 -12.30 16.34 -7.74
CA SER A 234 -12.96 15.89 -8.98
C SER A 234 -12.92 16.99 -10.06
N SER A 235 -13.21 18.24 -9.68
CA SER A 235 -13.18 19.38 -10.60
C SER A 235 -11.75 19.70 -11.06
N ILE A 236 -10.77 19.55 -10.16
CA ILE A 236 -9.34 19.78 -10.45
C ILE A 236 -8.85 18.72 -11.48
N LEU A 237 -9.24 17.46 -11.31
CA LEU A 237 -8.82 16.40 -12.23
C LEU A 237 -9.53 16.51 -13.58
N GLU A 238 -10.79 17.01 -13.60
CA GLU A 238 -11.52 17.22 -14.85
C GLU A 238 -10.92 18.39 -15.66
N LYS A 239 -10.28 19.37 -14.99
CA LYS A 239 -9.61 20.49 -15.65
C LYS A 239 -8.20 20.11 -16.23
N GLY A 240 -7.82 18.84 -16.15
CA GLY A 240 -6.53 18.36 -16.65
C GLY A 240 -5.37 18.51 -15.68
N GLU A 241 -5.61 19.04 -14.48
CA GLU A 241 -4.56 19.25 -13.47
C GLU A 241 -4.18 17.94 -12.78
N ARG A 242 -2.88 17.77 -12.49
CA ARG A 242 -2.32 16.58 -11.83
C ARG A 242 -1.23 16.97 -10.81
N LEU A 243 -0.76 15.99 -10.01
CA LEU A 243 0.28 16.25 -9.00
C LEU A 243 1.57 16.75 -9.70
N PRO A 244 2.35 17.67 -9.10
CA PRO A 244 3.52 18.22 -9.82
C PRO A 244 4.71 17.28 -9.98
N GLN A 245 5.66 17.65 -10.86
CA GLN A 245 6.86 16.85 -11.11
C GLN A 245 7.82 16.94 -9.92
N PRO A 246 8.14 15.85 -9.19
CA PRO A 246 9.11 15.98 -8.09
C PRO A 246 10.49 16.43 -8.60
N PRO A 247 11.25 17.33 -7.92
CA PRO A 247 12.54 17.77 -8.48
C PRO A 247 13.58 16.70 -8.84
N ILE A 248 13.54 15.54 -8.16
CA ILE A 248 14.50 14.46 -8.41
C ILE A 248 14.12 13.59 -9.64
N CYS A 249 12.88 13.72 -10.16
CA CYS A 249 12.42 12.89 -11.27
C CYS A 249 12.77 13.40 -12.64
N THR A 250 13.30 12.53 -13.50
CA THR A 250 13.52 12.87 -14.91
C THR A 250 12.16 12.71 -15.62
N ILE A 251 12.04 13.21 -16.86
CA ILE A 251 10.78 13.12 -17.61
C ILE A 251 10.23 11.68 -17.71
N ASP A 252 11.10 10.67 -17.87
CA ASP A 252 10.67 9.27 -17.98
C ASP A 252 9.93 8.76 -16.74
N VAL A 253 10.35 9.19 -15.53
CA VAL A 253 9.72 8.75 -14.29
C VAL A 253 8.39 9.48 -14.10
N TYR A 254 8.36 10.79 -14.36
CA TYR A 254 7.14 11.58 -14.23
C TYR A 254 6.08 11.17 -15.25
N MET A 255 6.48 10.79 -16.48
CA MET A 255 5.51 10.32 -17.47
C MET A 255 4.84 9.01 -17.05
N ILE A 256 5.52 8.14 -16.27
CA ILE A 256 4.89 6.90 -15.76
C ILE A 256 3.75 7.31 -14.81
N MET A 257 4.03 8.26 -13.89
CA MET A 257 3.05 8.77 -12.94
C MET A 257 1.85 9.37 -13.68
N ARG A 258 2.11 10.19 -14.72
N ARG A 258 2.11 10.20 -14.71
CA ARG A 258 1.04 10.81 -15.50
CA ARG A 258 1.03 10.80 -15.50
C ARG A 258 0.25 9.78 -16.32
C ARG A 258 0.24 9.75 -16.29
N LYS A 259 0.89 8.68 -16.76
CA LYS A 259 0.18 7.61 -17.47
C LYS A 259 -0.74 6.84 -16.50
N CYS A 260 -0.36 6.74 -15.20
CA CYS A 260 -1.21 6.13 -14.16
C CYS A 260 -2.46 6.98 -13.87
N TRP A 261 -2.43 8.30 -14.18
CA TRP A 261 -3.55 9.21 -13.92
C TRP A 261 -4.28 9.67 -15.19
N MET A 262 -4.37 8.83 -16.23
CA MET A 262 -5.10 9.21 -17.45
C MET A 262 -6.60 9.03 -17.23
N ILE A 263 -7.42 9.80 -17.95
CA ILE A 263 -8.88 9.73 -17.81
C ILE A 263 -9.38 8.33 -18.17
N ASP A 264 -8.95 7.80 -19.31
CA ASP A 264 -9.33 6.45 -19.73
C ASP A 264 -8.54 5.45 -18.88
N ALA A 265 -9.25 4.65 -18.05
CA ALA A 265 -8.61 3.68 -17.17
C ALA A 265 -7.88 2.56 -17.91
N ASP A 266 -8.37 2.15 -19.08
CA ASP A 266 -7.73 1.09 -19.86
C ASP A 266 -6.41 1.58 -20.50
N SER A 267 -6.31 2.88 -20.81
CA SER A 267 -5.08 3.46 -21.35
C SER A 267 -3.96 3.56 -20.29
N ARG A 268 -4.28 3.48 -18.98
CA ARG A 268 -3.28 3.53 -17.92
C ARG A 268 -2.36 2.28 -17.99
N PRO A 269 -1.11 2.29 -17.47
CA PRO A 269 -0.29 1.08 -17.54
C PRO A 269 -0.82 -0.05 -16.67
N LYS A 270 -0.34 -1.26 -16.90
CA LYS A 270 -0.72 -2.42 -16.09
C LYS A 270 0.40 -2.71 -15.09
N PHE A 271 0.12 -3.43 -13.99
CA PHE A 271 1.16 -3.72 -13.01
C PHE A 271 2.26 -4.61 -13.60
N ARG A 272 1.93 -5.50 -14.55
CA ARG A 272 2.96 -6.31 -15.23
C ARG A 272 3.87 -5.44 -16.11
N GLU A 273 3.34 -4.33 -16.67
CA GLU A 273 4.11 -3.37 -17.47
C GLU A 273 4.97 -2.50 -16.56
N LEU A 274 4.43 -2.09 -15.38
CA LEU A 274 5.14 -1.26 -14.41
C LEU A 274 6.32 -2.01 -13.77
N ILE A 275 6.25 -3.36 -13.68
CA ILE A 275 7.36 -4.17 -13.16
C ILE A 275 8.53 -4.05 -14.15
N ILE A 276 8.25 -4.23 -15.45
CA ILE A 276 9.27 -4.17 -16.50
C ILE A 276 9.86 -2.75 -16.63
N GLU A 277 9.02 -1.73 -16.70
CA GLU A 277 9.45 -0.35 -16.85
C GLU A 277 10.34 0.10 -15.68
N PHE A 278 9.90 -0.11 -14.42
CA PHE A 278 10.71 0.30 -13.26
C PHE A 278 11.91 -0.63 -13.05
N SER A 279 11.86 -1.90 -13.49
CA SER A 279 13.01 -2.81 -13.38
C SER A 279 14.12 -2.35 -14.31
N LYS A 280 13.77 -1.90 -15.52
CA LYS A 280 14.72 -1.33 -16.49
C LYS A 280 15.39 -0.10 -15.87
N MET A 281 14.62 0.75 -15.20
CA MET A 281 15.13 1.96 -14.55
C MET A 281 16.02 1.61 -13.34
N ALA A 282 15.73 0.52 -12.61
CA ALA A 282 16.53 0.09 -11.48
C ALA A 282 17.92 -0.44 -11.89
N ARG A 283 18.10 -0.87 -13.15
CA ARG A 283 19.38 -1.36 -13.63
C ARG A 283 20.39 -0.21 -13.84
N ASP A 284 19.90 1.01 -14.13
CA ASP A 284 20.72 2.22 -14.29
C ASP A 284 19.98 3.32 -13.48
N PRO A 285 20.01 3.28 -12.13
CA PRO A 285 19.19 4.23 -11.36
C PRO A 285 19.54 5.72 -11.46
N GLN A 286 20.84 6.07 -11.54
CA GLN A 286 21.25 7.47 -11.62
C GLN A 286 20.81 8.18 -12.90
N ARG A 287 20.49 7.42 -13.97
CA ARG A 287 20.00 7.99 -15.22
C ARG A 287 18.58 8.55 -15.05
N TYR A 288 17.73 7.86 -14.27
CA TYR A 288 16.32 8.23 -14.12
C TYR A 288 15.98 9.09 -12.89
N LEU A 289 16.83 9.13 -11.85
CA LEU A 289 16.58 10.01 -10.70
C LEU A 289 17.87 10.76 -10.37
N VAL A 290 17.78 12.09 -10.18
CA VAL A 290 18.93 12.95 -9.88
C VAL A 290 18.88 13.39 -8.42
N ILE A 291 19.67 12.74 -7.55
CA ILE A 291 19.76 13.05 -6.12
C ILE A 291 21.23 13.39 -5.81
N GLN A 292 21.48 14.50 -5.10
CA GLN A 292 22.86 14.91 -4.76
C GLN A 292 23.50 13.91 -3.79
N GLY A 293 24.74 13.53 -4.07
CA GLY A 293 25.49 12.58 -3.24
C GLY A 293 24.84 11.22 -3.22
N ASP A 294 24.47 10.70 -4.41
CA ASP A 294 23.80 9.41 -4.54
C ASP A 294 24.76 8.25 -4.26
N GLU A 295 26.02 8.35 -4.70
CA GLU A 295 27.01 7.30 -4.48
C GLU A 295 27.39 7.19 -3.00
N ARG A 296 27.41 8.31 -2.27
CA ARG A 296 27.77 8.34 -0.85
C ARG A 296 26.66 7.81 0.08
N MET A 297 25.39 7.75 -0.38
CA MET A 297 24.29 7.30 0.48
C MET A 297 24.31 5.80 0.76
N HIS A 298 23.82 5.42 1.94
CA HIS A 298 23.78 4.02 2.39
C HIS A 298 22.70 3.84 3.48
N LEU A 299 21.96 2.73 3.44
CA LEU A 299 20.94 2.40 4.44
C LEU A 299 21.24 1.02 5.06
N PRO A 300 20.91 0.73 6.36
CA PRO A 300 21.21 -0.62 6.90
C PRO A 300 20.39 -1.72 6.23
N GLU A 325 -7.94 12.05 5.58
CA GLU A 325 -7.54 11.24 4.43
C GLU A 325 -8.74 10.52 3.82
N TYR A 326 -9.57 9.88 4.66
CA TYR A 326 -10.76 9.15 4.22
C TYR A 326 -12.00 10.03 4.47
N LEU A 327 -12.85 10.20 3.43
CA LEU A 327 -14.05 11.05 3.51
C LEU A 327 -15.28 10.37 2.91
N ILE A 328 -16.48 10.87 3.25
CA ILE A 328 -17.76 10.36 2.75
C ILE A 328 -17.92 10.86 1.29
N PRO A 329 -18.18 9.99 0.28
CA PRO A 329 -18.33 10.51 -1.09
C PRO A 329 -19.66 11.24 -1.33
N GLN A 330 -19.72 12.04 -2.40
CA GLN A 330 -20.92 12.80 -2.74
C GLN A 330 -20.94 13.13 -4.23
N1 A1IEZ B . 1.06 -1.12 10.47
N3 A1IEZ B . -0.67 -4.09 9.33
C4 A1IEZ B . -1.49 1.08 8.73
C5 A1IEZ B . -2.09 -1.38 8.74
C6 A1IEZ B . -0.85 -1.62 9.45
C7 A1IEZ B . -0.06 -0.57 9.93
C8 A1IEZ B . 1.04 -2.52 10.37
C10 A1IEZ B . 2.37 -4.63 10.39
C13 A1IEZ B . 3.21 -2.76 11.63
C15 A1IEZ B . -1.16 -5.08 10.20
C17 A1IEZ B . -1.45 -6.07 12.38
C20 A1IEZ B . -1.79 -6.22 9.62
C21 A1IEZ B . -3.25 -5.82 7.84
CL A1IEZ B . -2.84 -8.71 9.80
C19 A1IEZ B . -2.20 -7.26 10.45
C18 A1IEZ B . -2.04 -7.19 11.82
C16 A1IEZ B . -1.01 -5.02 11.58
O2 A1IEZ B . -1.97 -6.28 8.26
C14 A1IEZ B . -0.18 -2.86 9.73
O1 A1IEZ B . -2.87 -2.25 8.38
N A1IEZ B . -2.38 -0.05 8.44
C9 A1IEZ B . 2.18 -3.32 10.84
F A1IEZ B . 3.14 -1.56 12.16
C12 A1IEZ B . 4.37 -3.54 11.90
N2 A1IEZ B . 4.54 -4.79 11.43
C11 A1IEZ B . 3.55 -5.30 10.69
C3 A1IEZ B . -0.45 0.88 9.88
C2 A1IEZ B . 0.73 1.85 9.64
C1 A1IEZ B . 1.76 1.93 10.79
O A1IEZ B . 0.99 1.99 11.98
C A1IEZ B . 1.72 1.63 13.12
#